data_5TF3
#
_entry.id   5TF3
#
_cell.length_a   75.094
_cell.length_b   75.094
_cell.length_c   73.772
_cell.angle_alpha   90.00
_cell.angle_beta   90.00
_cell.angle_gamma   120.00
#
_symmetry.space_group_name_H-M   'P 31 2 1'
#
loop_
_entity.id
_entity.type
_entity.pdbx_description
1 polymer 'Putative membrane protein'
2 non-polymer 1,2-ETHANEDIOL
3 water water
#
_entity_poly.entity_id   1
_entity_poly.type   'polypeptide(L)'
_entity_poly.pdbx_seq_one_letter_code
;SNASDTRKAIDTISNLLKIKPIYIES(MSE)LQE(MSE)GPRQTQ(MSE)FIRSTSNGSAEEVRKAAYLVFIYHTFIKNP
SDENVELWRNTLIRAQISPILAAEHTDAALFYFAELDLDAFELAQFRRHYNLHFNPEPGTLLH
;
_entity_poly.pdbx_strand_id   A
#
# COMPACT_ATOMS: atom_id res chain seq x y z
N SER A 1 -2.96 -24.27 2.24
CA SER A 1 -3.53 -23.53 1.11
C SER A 1 -2.61 -22.38 0.72
N ASN A 2 -1.33 -22.51 1.10
CA ASN A 2 -0.39 -21.41 0.94
C ASN A 2 -0.21 -21.03 -0.53
N ALA A 3 -0.05 -22.01 -1.42
CA ALA A 3 0.17 -21.68 -2.83
C ALA A 3 -1.06 -21.01 -3.44
N SER A 4 -2.24 -21.60 -3.23
CA SER A 4 -3.46 -21.04 -3.80
C SER A 4 -3.74 -19.65 -3.24
N ASP A 5 -3.61 -19.47 -1.92
CA ASP A 5 -3.89 -18.15 -1.33
C ASP A 5 -2.89 -17.11 -1.81
N THR A 6 -1.62 -17.49 -2.01
CA THR A 6 -0.61 -16.56 -2.51
C THR A 6 -0.99 -16.00 -3.89
N ARG A 7 -1.38 -16.89 -4.82
N ARG A 7 -1.37 -16.90 -4.82
CA ARG A 7 -1.75 -16.40 -6.14
CA ARG A 7 -1.79 -16.46 -6.15
C ARG A 7 -3.04 -15.58 -6.10
C ARG A 7 -3.02 -15.58 -6.06
N LYS A 8 -3.99 -15.97 -5.22
CA LYS A 8 -5.22 -15.19 -5.13
C LYS A 8 -4.95 -13.79 -4.60
N ALA A 9 -4.13 -13.69 -3.56
CA ALA A 9 -3.79 -12.37 -3.01
C ALA A 9 -3.10 -11.50 -4.04
N ILE A 10 -2.13 -12.07 -4.77
CA ILE A 10 -1.44 -11.29 -5.80
C ILE A 10 -2.42 -10.86 -6.88
N ASP A 11 -3.24 -11.80 -7.36
CA ASP A 11 -4.17 -11.46 -8.43
C ASP A 11 -5.19 -10.39 -7.98
N THR A 12 -5.75 -10.57 -6.78
N THR A 12 -5.76 -10.54 -6.78
CA THR A 12 -6.78 -9.65 -6.31
CA THR A 12 -6.81 -9.60 -6.38
C THR A 12 -6.24 -8.22 -6.17
C THR A 12 -6.26 -8.20 -6.17
N ILE A 13 -5.07 -8.07 -5.57
CA ILE A 13 -4.50 -6.73 -5.39
C ILE A 13 -4.07 -6.14 -6.73
N SER A 14 -3.40 -6.93 -7.58
CA SER A 14 -2.96 -6.37 -8.85
C SER A 14 -4.17 -5.99 -9.73
N ASN A 15 -5.23 -6.81 -9.70
N ASN A 15 -5.24 -6.79 -9.68
CA ASN A 15 -6.43 -6.46 -10.46
CA ASN A 15 -6.42 -6.42 -10.48
C ASN A 15 -7.07 -5.19 -9.93
C ASN A 15 -7.09 -5.18 -9.92
N LEU A 16 -7.09 -5.01 -8.60
CA LEU A 16 -7.68 -3.81 -8.02
C LEU A 16 -6.93 -2.56 -8.48
N LEU A 17 -5.60 -2.59 -8.37
CA LEU A 17 -4.79 -1.45 -8.77
C LEU A 17 -4.54 -1.37 -10.28
N LYS A 18 -4.85 -2.44 -11.03
CA LYS A 18 -4.58 -2.53 -12.47
C LYS A 18 -3.10 -2.33 -12.78
N ILE A 19 -2.25 -3.06 -12.06
CA ILE A 19 -0.81 -3.03 -12.27
C ILE A 19 -0.34 -4.47 -12.41
N LYS A 20 0.86 -4.65 -12.94
CA LYS A 20 1.38 -5.99 -13.16
C LYS A 20 1.66 -6.68 -11.82
N PRO A 21 1.51 -8.01 -11.77
CA PRO A 21 1.73 -8.73 -10.50
C PRO A 21 3.11 -8.52 -9.90
N ILE A 22 4.14 -8.30 -10.73
CA ILE A 22 5.49 -8.12 -10.20
C ILE A 22 5.53 -7.06 -9.11
N TYR A 23 4.67 -6.06 -9.18
CA TYR A 23 4.70 -5.04 -8.14
C TYR A 23 4.21 -5.58 -6.80
N ILE A 24 3.40 -6.63 -6.79
CA ILE A 24 2.96 -7.24 -5.54
C ILE A 24 3.98 -8.26 -5.05
N GLU A 25 4.47 -9.10 -5.96
CA GLU A 25 5.49 -10.09 -5.62
C GLU A 25 6.74 -9.44 -5.03
N SER A 26 7.15 -8.28 -5.57
CA SER A 26 8.34 -7.64 -5.03
C SER A 26 8.13 -7.22 -3.57
N LEU A 28 6.08 -8.69 -1.42
CA LEU A 28 6.06 -9.90 -0.60
C LEU A 28 7.46 -10.37 -0.28
N GLN A 29 8.37 -10.31 -1.25
CA GLN A 29 9.75 -10.76 -1.03
C GLN A 29 10.38 -10.07 0.16
N GLU A 30 10.02 -8.83 0.43
CA GLU A 30 10.59 -8.06 1.52
C GLU A 30 9.78 -8.14 2.80
N GLY A 32 8.84 -10.71 5.96
CA GLY A 32 9.31 -11.96 6.53
C GLY A 32 8.31 -13.08 6.30
N PRO A 33 8.72 -14.33 6.55
CA PRO A 33 7.85 -15.46 6.22
C PRO A 33 6.53 -15.44 6.98
N ARG A 34 6.55 -15.25 8.30
CA ARG A 34 5.29 -15.21 9.04
C ARG A 34 4.43 -14.03 8.61
N GLN A 35 5.05 -12.85 8.48
CA GLN A 35 4.33 -11.66 8.01
C GLN A 35 3.69 -11.90 6.64
N THR A 36 4.43 -12.54 5.73
CA THR A 36 3.87 -12.83 4.40
C THR A 36 2.65 -13.73 4.53
N GLN A 37 2.76 -14.80 5.33
CA GLN A 37 1.66 -15.75 5.48
C GLN A 37 0.42 -15.07 6.05
N PHE A 39 -0.27 -11.83 5.83
CA PHE A 39 -0.77 -10.89 4.84
C PHE A 39 -1.56 -11.61 3.76
N ILE A 40 -1.01 -12.71 3.27
CA ILE A 40 -1.67 -13.50 2.22
C ILE A 40 -3.00 -14.02 2.72
N ARG A 41 -3.03 -14.55 3.95
CA ARG A 41 -4.26 -15.13 4.46
C ARG A 41 -5.33 -14.05 4.65
N SER A 42 -4.95 -12.87 5.11
CA SER A 42 -5.96 -11.84 5.32
C SER A 42 -6.44 -11.27 4.00
N THR A 43 -5.59 -11.25 2.98
CA THR A 43 -6.00 -10.68 1.70
C THR A 43 -6.80 -11.66 0.85
N SER A 44 -6.53 -12.96 0.95
CA SER A 44 -7.28 -13.89 0.14
C SER A 44 -8.62 -14.26 0.76
N ASN A 45 -8.76 -14.11 2.08
CA ASN A 45 -9.98 -14.45 2.79
C ASN A 45 -10.80 -13.23 3.19
N GLY A 46 -10.34 -12.02 2.86
CA GLY A 46 -10.97 -10.82 3.34
C GLY A 46 -11.96 -10.24 2.35
N SER A 47 -12.74 -9.28 2.86
CA SER A 47 -13.70 -8.59 2.03
C SER A 47 -12.98 -7.70 1.03
N ALA A 48 -13.75 -7.07 0.16
CA ALA A 48 -13.17 -6.05 -0.71
C ALA A 48 -12.52 -4.94 0.10
N GLU A 49 -13.03 -4.67 1.31
CA GLU A 49 -12.42 -3.65 2.15
C GLU A 49 -11.02 -4.04 2.63
N GLU A 50 -10.79 -5.34 2.86
CA GLU A 50 -9.48 -5.79 3.30
C GLU A 50 -8.46 -5.71 2.16
N VAL A 51 -8.92 -5.88 0.92
CA VAL A 51 -8.05 -5.72 -0.23
C VAL A 51 -7.66 -4.26 -0.40
N ARG A 52 -8.60 -3.35 -0.13
N ARG A 52 -8.60 -3.35 -0.13
CA ARG A 52 -8.29 -1.93 -0.27
CA ARG A 52 -8.30 -1.93 -0.26
C ARG A 52 -7.24 -1.50 0.75
C ARG A 52 -7.22 -1.51 0.74
N LYS A 53 -7.28 -2.05 1.96
CA LYS A 53 -6.22 -1.80 2.92
C LYS A 53 -4.86 -2.22 2.37
N ALA A 54 -4.83 -3.36 1.67
CA ALA A 54 -3.58 -3.84 1.09
C ALA A 54 -3.05 -2.89 0.03
N ALA A 55 -3.94 -2.15 -0.63
CA ALA A 55 -3.49 -1.16 -1.62
C ALA A 55 -2.61 -0.11 -0.96
N TYR A 56 -2.91 0.25 0.29
CA TYR A 56 -2.07 1.24 0.96
C TYR A 56 -0.71 0.68 1.34
N LEU A 57 -0.60 -0.64 1.58
CA LEU A 57 0.72 -1.22 1.83
C LEU A 57 1.57 -1.22 0.57
N VAL A 58 0.94 -1.53 -0.57
CA VAL A 58 1.60 -1.40 -1.87
C VAL A 58 2.15 0.02 -2.06
N PHE A 59 1.31 1.02 -1.80
CA PHE A 59 1.75 2.41 -1.89
C PHE A 59 2.95 2.68 -0.98
N ILE A 60 2.83 2.34 0.30
CA ILE A 60 3.92 2.61 1.25
C ILE A 60 5.20 1.92 0.81
N TYR A 61 5.10 0.66 0.37
CA TYR A 61 6.29 -0.08 -0.05
C TYR A 61 6.98 0.61 -1.21
N HIS A 62 6.23 0.94 -2.25
CA HIS A 62 6.87 1.51 -3.44
C HIS A 62 7.28 2.97 -3.25
N THR A 63 6.75 3.68 -2.25
CA THR A 63 7.17 5.05 -2.04
C THR A 63 8.15 5.15 -0.86
N PHE A 64 7.64 5.20 0.39
CA PHE A 64 8.53 5.37 1.54
C PHE A 64 9.66 4.35 1.56
N ILE A 65 9.35 3.08 1.32
CA ILE A 65 10.37 2.07 1.53
C ILE A 65 11.39 2.05 0.39
N LYS A 66 10.94 2.12 -0.86
CA LYS A 66 11.83 1.95 -2.02
C LYS A 66 12.22 3.26 -2.72
N ASN A 67 11.35 4.28 -2.75
CA ASN A 67 11.64 5.48 -3.55
C ASN A 67 10.67 6.61 -3.22
N PRO A 68 11.00 7.45 -2.25
CA PRO A 68 10.04 8.49 -1.83
C PRO A 68 10.13 9.80 -2.60
N SER A 69 10.68 9.79 -3.81
CA SER A 69 10.78 11.03 -4.58
C SER A 69 9.38 11.52 -4.94
N ASP A 70 9.26 12.85 -5.11
CA ASP A 70 7.97 13.46 -5.46
C ASP A 70 7.40 12.84 -6.73
N GLU A 71 8.26 12.63 -7.73
CA GLU A 71 7.81 12.03 -8.98
C GLU A 71 7.22 10.65 -8.74
N ASN A 72 7.91 9.81 -7.97
CA ASN A 72 7.41 8.45 -7.76
C ASN A 72 6.17 8.47 -6.87
N VAL A 73 6.13 9.36 -5.87
CA VAL A 73 4.97 9.42 -5.00
C VAL A 73 3.74 9.85 -5.80
N GLU A 74 3.91 10.80 -6.70
CA GLU A 74 2.80 11.24 -7.54
C GLU A 74 2.29 10.09 -8.42
N LEU A 75 3.22 9.31 -8.97
CA LEU A 75 2.87 8.12 -9.74
C LEU A 75 1.96 7.18 -8.95
N TRP A 76 2.37 6.79 -7.73
CA TRP A 76 1.59 5.83 -6.95
C TRP A 76 0.32 6.43 -6.39
N ARG A 77 0.33 7.73 -6.07
CA ARG A 77 -0.89 8.38 -5.63
C ARG A 77 -1.97 8.35 -6.73
N ASN A 78 -1.56 8.58 -7.98
CA ASN A 78 -2.51 8.53 -9.07
C ASN A 78 -3.02 7.12 -9.30
N THR A 79 -2.21 6.11 -8.97
CA THR A 79 -2.68 4.72 -9.06
C THR A 79 -3.80 4.45 -8.05
N LEU A 80 -3.67 4.96 -6.82
CA LEU A 80 -4.77 4.88 -5.87
C LEU A 80 -6.00 5.58 -6.41
N ILE A 81 -5.82 6.80 -6.92
CA ILE A 81 -6.97 7.59 -7.37
C ILE A 81 -7.65 6.89 -8.54
N ARG A 82 -6.88 6.32 -9.47
N ARG A 82 -6.88 6.34 -9.47
CA ARG A 82 -7.47 5.63 -10.61
CA ARG A 82 -7.48 5.64 -10.60
C ARG A 82 -8.21 4.36 -10.19
C ARG A 82 -8.30 4.44 -10.13
N ALA A 83 -7.90 3.81 -9.03
CA ALA A 83 -8.64 2.67 -8.47
C ALA A 83 -9.79 3.09 -7.56
N GLN A 84 -10.12 4.39 -7.51
CA GLN A 84 -11.20 4.90 -6.68
C GLN A 84 -10.91 4.65 -5.20
N ILE A 85 -9.64 4.71 -4.84
CA ILE A 85 -9.19 4.58 -3.46
C ILE A 85 -8.73 5.95 -2.98
N SER A 86 -9.17 6.36 -1.81
CA SER A 86 -8.80 7.67 -1.29
C SER A 86 -7.28 7.80 -1.24
N PRO A 87 -6.70 8.88 -1.76
CA PRO A 87 -5.26 9.07 -1.64
C PRO A 87 -4.82 9.54 -0.25
N ILE A 88 -5.75 9.73 0.68
CA ILE A 88 -5.36 10.13 2.03
C ILE A 88 -4.73 8.93 2.75
N LEU A 89 -3.55 9.15 3.30
CA LEU A 89 -2.82 8.09 4.00
C LEU A 89 -3.00 8.28 5.50
N ALA A 90 -3.49 7.24 6.17
CA ALA A 90 -3.89 7.34 7.56
C ALA A 90 -2.95 6.54 8.44
N ALA A 91 -3.02 6.81 9.75
CA ALA A 91 -2.09 6.23 10.71
C ALA A 91 -2.18 4.71 10.74
N GLU A 92 -3.35 4.16 10.47
CA GLU A 92 -3.45 2.70 10.52
C GLU A 92 -2.70 2.06 9.35
N HIS A 93 -2.53 2.80 8.24
CA HIS A 93 -1.78 2.26 7.11
C HIS A 93 -0.30 2.13 7.45
N THR A 94 0.28 3.16 8.08
CA THR A 94 1.70 3.12 8.39
C THR A 94 1.98 2.20 9.58
N ASP A 95 1.03 2.09 10.51
CA ASP A 95 1.21 1.14 11.60
C ASP A 95 1.24 -0.28 11.07
N ALA A 96 0.35 -0.60 10.12
CA ALA A 96 0.37 -1.91 9.46
C ALA A 96 1.68 -2.13 8.71
N ALA A 97 2.22 -1.09 8.10
CA ALA A 97 3.54 -1.19 7.50
C ALA A 97 4.60 -1.58 8.51
N LEU A 98 4.54 -1.00 9.72
CA LEU A 98 5.58 -1.25 10.72
C LEU A 98 5.58 -2.70 11.18
N PHE A 99 4.45 -3.40 11.07
CA PHE A 99 4.52 -4.82 11.35
C PHE A 99 5.02 -5.61 10.15
N TYR A 100 4.33 -5.48 9.00
CA TYR A 100 4.57 -6.40 7.90
C TYR A 100 6.02 -6.31 7.40
N PHE A 101 6.63 -5.12 7.53
CA PHE A 101 8.02 -4.92 7.13
C PHE A 101 8.96 -4.80 8.34
N ALA A 102 8.60 -5.46 9.44
CA ALA A 102 9.38 -5.32 10.68
C ALA A 102 10.85 -5.71 10.49
N GLU A 103 11.11 -6.75 9.69
CA GLU A 103 12.48 -7.19 9.48
C GLU A 103 13.36 -6.15 8.78
N LEU A 104 12.74 -5.16 8.12
CA LEU A 104 13.47 -4.08 7.47
C LEU A 104 13.92 -3.01 8.46
N ASP A 105 13.41 -3.04 9.70
CA ASP A 105 13.84 -2.12 10.76
C ASP A 105 13.51 -0.68 10.39
N LEU A 106 12.27 -0.45 9.97
CA LEU A 106 11.87 0.86 9.49
C LEU A 106 11.89 1.89 10.62
N ASP A 107 12.17 3.13 10.25
CA ASP A 107 12.24 4.21 11.21
C ASP A 107 10.83 4.76 11.42
N ALA A 108 10.25 4.51 12.59
CA ALA A 108 8.86 4.89 12.82
C ALA A 108 8.65 6.39 12.79
N PHE A 109 9.66 7.16 13.22
CA PHE A 109 9.54 8.61 13.17
C PHE A 109 9.55 9.09 11.73
N GLU A 110 10.52 8.61 10.94
CA GLU A 110 10.60 9.00 9.54
C GLU A 110 9.36 8.57 8.76
N LEU A 111 8.79 7.42 9.09
CA LEU A 111 7.57 6.98 8.42
C LEU A 111 6.39 7.88 8.76
N ALA A 112 6.30 8.29 10.03
CA ALA A 112 5.26 9.23 10.43
C ALA A 112 5.43 10.58 9.75
N GLN A 113 6.67 11.08 9.67
CA GLN A 113 6.89 12.34 8.96
C GLN A 113 6.65 12.20 7.47
N PHE A 114 6.91 11.02 6.90
CA PHE A 114 6.57 10.82 5.49
C PHE A 114 5.07 10.96 5.27
N ARG A 115 4.26 10.33 6.13
N ARG A 115 4.27 10.34 6.15
CA ARG A 115 2.81 10.42 5.98
CA ARG A 115 2.82 10.41 6.02
C ARG A 115 2.34 11.86 6.17
C ARG A 115 2.31 11.83 6.20
N ARG A 116 2.87 12.56 7.16
CA ARG A 116 2.44 13.93 7.40
C ARG A 116 2.79 14.83 6.22
N HIS A 117 4.03 14.74 5.73
N HIS A 117 4.04 14.75 5.72
CA HIS A 117 4.42 15.56 4.59
CA HIS A 117 4.44 15.56 4.58
C HIS A 117 3.70 15.14 3.31
C HIS A 117 3.70 15.15 3.32
N TYR A 118 3.42 13.85 3.16
CA TYR A 118 2.71 13.38 1.97
C TYR A 118 1.31 13.97 1.90
N ASN A 119 0.56 13.91 3.00
CA ASN A 119 -0.80 14.44 2.98
C ASN A 119 -0.78 15.95 2.81
N LEU A 120 0.15 16.63 3.46
CA LEU A 120 0.26 18.09 3.34
C LEU A 120 0.61 18.51 1.91
N HIS A 121 1.57 17.82 1.29
CA HIS A 121 2.08 18.23 -0.01
C HIS A 121 1.11 17.89 -1.14
N PHE A 122 0.46 16.72 -1.07
CA PHE A 122 -0.29 16.21 -2.20
C PHE A 122 -1.80 16.25 -2.06
N ASN A 123 -2.34 16.32 -0.85
CA ASN A 123 -3.80 16.21 -0.81
C ASN A 123 -4.38 17.59 -0.47
N PRO A 124 -4.98 18.28 -1.44
CA PRO A 124 -5.28 19.71 -1.26
C PRO A 124 -6.26 19.95 -0.12
N GLU A 125 -6.06 21.04 0.60
CA GLU A 125 -6.69 21.31 1.88
C GLU A 125 -8.22 21.43 1.85
N PRO A 126 -8.86 22.02 0.80
CA PRO A 126 -10.33 21.97 0.77
C PRO A 126 -10.81 20.56 0.42
N GLY A 127 -11.21 19.80 1.44
CA GLY A 127 -11.53 18.39 1.30
C GLY A 127 -12.47 17.98 0.18
N THR A 128 -13.37 18.89 -0.24
CA THR A 128 -14.28 18.61 -1.35
C THR A 128 -13.57 18.64 -2.70
N LEU A 129 -12.26 18.90 -2.73
CA LEU A 129 -11.45 18.82 -3.95
C LEU A 129 -10.78 17.46 -3.99
N LEU A 130 -11.36 16.52 -4.74
CA LEU A 130 -10.89 15.13 -4.79
C LEU A 130 -10.08 14.92 -6.08
N HIS A 131 -8.81 15.35 -6.04
CA HIS A 131 -7.90 15.23 -7.19
C HIS A 131 -6.44 15.10 -6.75
#